data_9DF4
#
_entry.id   9DF4
#
_cell.length_a   40.020
_cell.length_b   104.870
_cell.length_c   176.630
_cell.angle_alpha   90.00
_cell.angle_beta   90.00
_cell.angle_gamma   90.00
#
_symmetry.space_group_name_H-M   'C 2 2 21'
#
loop_
_entity.id
_entity.type
_entity.pdbx_description
1 polymer 'Epidermal growth factor receptor'
2 non-polymer (2P)-3-(3-chloro-2-methoxyanilino)-2-[3-({(2R)-1-[(2E)-4-(dimethylamino)but-2-enoyl]-2-methylpyrrolidin-2-yl}ethynyl)pyridin-4-yl]-1,5,6,7-tetrahydro-4H-pyrrolo[3,2-c]pyridin-4-one
3 non-polymer 'CHLORIDE ION'
4 non-polymer 1,2-ETHANEDIOL
5 non-polymer GLYCEROL
6 water water
#
_entity_poly.entity_id   1
_entity_poly.type   'polypeptide(L)'
_entity_poly.pdbx_seq_one_letter_code
;GGSGEAPNQALLRILKETEFKKIKVLGSGAFGTVYKGLWIPEGEKVKIPVAIKELREATSPKANKEILDEAYVMASVDSV
DNPHVCRLLGICLTSTVQLITQLMPFGCLLDYVREHKDNIGSQYLLNWCVQIAKGMNYLEDRRLVHRDLAARNVLVKTPQ
HVKITDFGLAKLLGAEEKEYHAEGGKVPIKWMALESILHRIYTHQSDVWSYGVTVWELMTFGSKPYDGIPASEISSILEK
GERLPQPPICTIDVYMIMRKCWMIDADSRPKFRELIIEFSKMARDPQRYLVIQGDERMHLPSPTDSNFYRALMDEEDMDD
VVDADEYLIPQQG
;
_entity_poly.pdbx_strand_id   A
#
loop_
_chem_comp.id
_chem_comp.type
_chem_comp.name
_chem_comp.formula
A1A4E non-polymer (2P)-3-(3-chloro-2-methoxyanilino)-2-[3-({(2R)-1-[(2E)-4-(dimethylamino)but-2-enoyl]-2-methylpyrrolidin-2-yl}ethynyl)pyridin-4-yl]-1,5,6,7-tetrahydro-4H-pyrrolo[3,2-c]pyridin-4-one 'C32 H35 Cl N6 O3'
CL non-polymer 'CHLORIDE ION' 'Cl -1'
EDO non-polymer 1,2-ETHANEDIOL 'C2 H6 O2'
GOL non-polymer GLYCEROL 'C3 H8 O3'
#
# COMPACT_ATOMS: atom_id res chain seq x y z
N GLN A 9 -21.50 -9.27 4.12
CA GLN A 9 -21.75 -9.61 5.55
C GLN A 9 -20.44 -9.64 6.33
N ALA A 10 -20.13 -8.54 7.03
CA ALA A 10 -18.85 -8.35 7.70
C ALA A 10 -18.84 -9.02 9.08
N LEU A 11 -18.01 -10.05 9.23
CA LEU A 11 -17.83 -10.79 10.47
C LEU A 11 -16.47 -10.41 11.06
N LEU A 12 -16.36 -10.37 12.40
CA LEU A 12 -15.07 -10.26 13.06
C LEU A 12 -14.88 -11.50 13.95
N ARG A 13 -13.86 -12.30 13.64
CA ARG A 13 -13.47 -13.43 14.46
C ARG A 13 -12.64 -12.93 15.64
N ILE A 14 -13.08 -13.27 16.86
CA ILE A 14 -12.34 -12.92 18.07
C ILE A 14 -11.36 -14.02 18.38
N LEU A 15 -10.06 -13.67 18.42
CA LEU A 15 -9.03 -14.63 18.70
C LEU A 15 -8.64 -14.48 20.16
N LYS A 16 -8.53 -15.62 20.83
CA LYS A 16 -8.17 -15.64 22.24
C LYS A 16 -6.71 -15.22 22.39
N GLU A 17 -6.46 -14.35 23.36
CA GLU A 17 -5.12 -13.92 23.72
C GLU A 17 -4.19 -15.12 23.89
N THR A 18 -4.72 -16.23 24.46
CA THR A 18 -3.92 -17.38 24.83
C THR A 18 -3.44 -18.16 23.60
N GLU A 19 -3.97 -17.85 22.41
CA GLU A 19 -3.58 -18.52 21.18
C GLU A 19 -2.34 -17.89 20.54
N PHE A 20 -1.78 -16.83 21.14
CA PHE A 20 -0.64 -16.14 20.57
C PHE A 20 0.61 -16.33 21.41
N LYS A 21 1.73 -16.71 20.76
CA LYS A 21 2.99 -16.91 21.43
C LYS A 21 4.06 -16.03 20.78
N LYS A 22 5.12 -15.75 21.55
CA LYS A 22 6.32 -15.08 21.07
C LYS A 22 6.00 -13.68 20.51
N ILE A 23 5.13 -12.94 21.19
CA ILE A 23 4.80 -11.59 20.72
C ILE A 23 5.95 -10.63 21.07
N LYS A 24 6.36 -9.85 20.06
CA LYS A 24 7.52 -8.97 20.10
C LYS A 24 7.20 -7.73 19.27
N VAL A 25 7.56 -6.56 19.78
CA VAL A 25 7.34 -5.31 19.08
C VAL A 25 8.17 -5.36 17.80
N LEU A 26 7.57 -4.89 16.69
CA LEU A 26 8.21 -4.79 15.38
C LEU A 26 8.50 -3.33 15.04
N GLY A 27 7.54 -2.44 15.28
CA GLY A 27 7.74 -1.02 15.02
C GLY A 27 6.55 -0.19 15.47
N SER A 28 6.78 1.11 15.62
CA SER A 28 5.73 2.05 15.96
C SER A 28 5.89 3.28 15.08
N GLY A 29 4.81 4.06 14.98
CA GLY A 29 4.82 5.28 14.19
C GLY A 29 3.41 5.82 14.04
N ALA A 30 3.16 6.49 12.92
CA ALA A 30 1.89 7.16 12.65
C ALA A 30 0.74 6.15 12.67
N PHE A 31 1.05 4.90 12.31
CA PHE A 31 0.07 3.85 12.13
C PHE A 31 -0.25 3.14 13.44
N GLY A 32 0.48 3.50 14.51
CA GLY A 32 0.32 2.88 15.82
C GLY A 32 1.54 2.04 16.19
N THR A 33 1.29 0.88 16.81
CA THR A 33 2.31 -0.10 17.12
C THR A 33 1.96 -1.41 16.45
N VAL A 34 2.95 -2.05 15.82
CA VAL A 34 2.78 -3.36 15.21
C VAL A 34 3.73 -4.33 15.90
N TYR A 35 3.18 -5.48 16.30
CA TYR A 35 3.94 -6.59 16.86
C TYR A 35 3.92 -7.75 15.87
N LYS A 36 4.89 -8.65 15.99
CA LYS A 36 4.81 -9.95 15.35
C LYS A 36 4.55 -11.00 16.44
N GLY A 37 4.00 -12.14 16.02
CA GLY A 37 3.70 -13.24 16.91
C GLY A 37 3.44 -14.53 16.15
N LEU A 38 3.21 -15.62 16.91
CA LEU A 38 2.79 -16.89 16.33
C LEU A 38 1.39 -17.12 16.84
N TRP A 39 0.46 -17.34 15.91
CA TRP A 39 -0.90 -17.67 16.25
C TRP A 39 -1.06 -19.19 16.11
N ILE A 40 -1.42 -19.84 17.21
CA ILE A 40 -1.69 -21.27 17.19
C ILE A 40 -3.17 -21.46 17.48
N PRO A 41 -4.04 -21.61 16.46
CA PRO A 41 -5.46 -21.81 16.71
C PRO A 41 -5.69 -23.09 17.51
N GLU A 42 -6.56 -23.03 18.52
CA GLU A 42 -6.84 -24.21 19.33
C GLU A 42 -7.48 -25.27 18.45
N GLY A 43 -7.00 -26.51 18.60
CA GLY A 43 -7.44 -27.63 17.78
C GLY A 43 -6.61 -27.76 16.50
N GLU A 44 -5.42 -27.12 16.49
CA GLU A 44 -4.47 -27.26 15.39
C GLU A 44 -3.05 -27.15 15.95
N LYS A 45 -2.11 -27.86 15.29
CA LYS A 45 -0.69 -27.75 15.60
C LYS A 45 -0.04 -26.75 14.67
N VAL A 46 -0.82 -26.14 13.75
CA VAL A 46 -0.31 -25.14 12.83
C VAL A 46 0.03 -23.86 13.60
N LYS A 47 1.26 -23.37 13.38
CA LYS A 47 1.71 -22.10 13.93
C LYS A 47 1.80 -21.07 12.79
N ILE A 48 0.98 -20.02 12.88
CA ILE A 48 0.84 -19.04 11.82
C ILE A 48 1.54 -17.73 12.22
N PRO A 49 2.61 -17.31 11.53
CA PRO A 49 3.19 -15.99 11.77
C PRO A 49 2.17 -14.88 11.49
N VAL A 50 1.99 -13.99 12.47
CA VAL A 50 1.02 -12.92 12.38
C VAL A 50 1.68 -11.58 12.67
N ALA A 51 1.11 -10.53 12.09
CA ALA A 51 1.32 -9.18 12.55
C ALA A 51 0.11 -8.75 13.37
N ILE A 52 0.34 -7.89 14.36
CA ILE A 52 -0.67 -7.44 15.32
C ILE A 52 -0.58 -5.92 15.45
N LYS A 53 -1.69 -5.21 15.22
CA LYS A 53 -1.68 -3.76 15.20
C LYS A 53 -2.62 -3.22 16.27
N GLU A 54 -2.15 -2.19 16.96
CA GLU A 54 -2.98 -1.38 17.85
C GLU A 54 -2.60 0.09 17.64
N LEU A 55 -3.51 0.98 18.05
CA LEU A 55 -3.34 2.41 17.83
C LEU A 55 -2.58 2.99 19.00
N ARG A 56 -1.80 4.04 18.71
CA ARG A 56 -0.79 4.59 19.61
C ARG A 56 0.38 3.60 19.72
N ALA A 63 -10.49 5.51 19.68
CA ALA A 63 -9.19 4.82 19.50
C ALA A 63 -9.41 3.31 19.35
N ASN A 64 -10.10 2.71 20.33
CA ASN A 64 -10.64 1.38 20.17
C ASN A 64 -11.66 1.40 19.04
N LYS A 65 -12.41 2.49 18.96
CA LYS A 65 -13.43 2.70 17.95
C LYS A 65 -12.80 2.90 16.57
N GLU A 66 -11.73 3.70 16.53
CA GLU A 66 -11.00 3.96 15.29
C GLU A 66 -10.50 2.65 14.67
N ILE A 67 -9.91 1.77 15.48
CA ILE A 67 -9.33 0.56 14.94
C ILE A 67 -10.43 -0.41 14.52
N LEU A 68 -11.60 -0.32 15.17
CA LEU A 68 -12.73 -1.16 14.77
C LEU A 68 -13.31 -0.70 13.44
N ASP A 69 -13.22 0.59 13.15
CA ASP A 69 -13.61 1.10 11.85
C ASP A 69 -12.74 0.49 10.76
N GLU A 70 -11.44 0.38 11.02
CA GLU A 70 -10.51 -0.27 10.11
C GLU A 70 -10.85 -1.75 9.94
N ALA A 71 -11.15 -2.44 11.05
CA ALA A 71 -11.53 -3.84 10.98
C ALA A 71 -12.76 -3.99 10.10
N TYR A 72 -13.74 -3.09 10.29
CA TYR A 72 -15.00 -3.16 9.54
C TYR A 72 -14.72 -3.10 8.04
N VAL A 73 -13.94 -2.10 7.63
CA VAL A 73 -13.62 -1.90 6.23
C VAL A 73 -12.96 -3.14 5.66
N MET A 74 -11.94 -3.66 6.37
CA MET A 74 -11.18 -4.82 5.93
C MET A 74 -12.04 -6.07 5.81
N ALA A 75 -12.92 -6.30 6.80
CA ALA A 75 -13.80 -7.47 6.75
C ALA A 75 -14.79 -7.34 5.59
N SER A 76 -15.32 -6.13 5.38
CA SER A 76 -16.26 -5.82 4.31
C SER A 76 -15.70 -6.16 2.93
N VAL A 77 -14.40 -5.94 2.69
CA VAL A 77 -13.84 -6.03 1.35
C VAL A 77 -13.15 -7.37 1.13
N ASP A 78 -13.08 -8.22 2.16
CA ASP A 78 -12.40 -9.50 2.00
C ASP A 78 -13.23 -10.42 1.11
N SER A 79 -12.55 -11.38 0.49
CA SER A 79 -13.19 -12.42 -0.30
C SER A 79 -12.22 -13.58 -0.51
N VAL A 80 -12.73 -14.67 -1.08
CA VAL A 80 -11.95 -15.89 -1.29
C VAL A 80 -10.72 -15.57 -2.15
N ASP A 81 -10.89 -14.75 -3.21
CA ASP A 81 -9.81 -14.45 -4.14
C ASP A 81 -9.36 -13.01 -3.95
N ASN A 82 -8.35 -12.82 -3.09
CA ASN A 82 -7.97 -11.49 -2.67
C ASN A 82 -6.45 -11.44 -2.52
N PRO A 83 -5.70 -11.42 -3.64
CA PRO A 83 -4.26 -11.57 -3.57
C PRO A 83 -3.50 -10.31 -3.14
N HIS A 84 -4.08 -9.12 -3.35
CA HIS A 84 -3.29 -7.90 -3.26
C HIS A 84 -3.84 -6.88 -2.26
N VAL A 85 -4.74 -7.32 -1.38
CA VAL A 85 -5.22 -6.52 -0.28
C VAL A 85 -5.09 -7.33 1.02
N CYS A 86 -4.51 -6.73 2.07
N CYS A 86 -4.59 -6.68 2.08
CA CYS A 86 -4.37 -7.44 3.34
CA CYS A 86 -4.42 -7.33 3.38
C CYS A 86 -5.73 -7.92 3.85
C CYS A 86 -5.76 -7.90 3.87
N ARG A 87 -5.72 -9.14 4.40
CA ARG A 87 -6.90 -9.78 4.96
C ARG A 87 -6.80 -9.76 6.48
N LEU A 88 -7.89 -9.36 7.13
CA LEU A 88 -8.02 -9.45 8.58
C LEU A 88 -8.26 -10.91 8.98
N LEU A 89 -7.38 -11.47 9.82
CA LEU A 89 -7.57 -12.82 10.35
C LEU A 89 -8.56 -12.78 11.53
N GLY A 90 -8.59 -11.64 12.21
CA GLY A 90 -9.46 -11.49 13.36
C GLY A 90 -8.99 -10.33 14.22
N ILE A 91 -9.58 -10.24 15.40
CA ILE A 91 -9.22 -9.23 16.37
C ILE A 91 -8.99 -9.92 17.70
N CYS A 92 -8.20 -9.24 18.54
CA CYS A 92 -7.93 -9.70 19.89
CA CYS A 92 -7.90 -9.69 19.89
C CYS A 92 -8.28 -8.59 20.87
N LEU A 93 -8.97 -8.95 21.94
CA LEU A 93 -9.35 -8.00 22.97
C LEU A 93 -8.45 -8.23 24.18
N THR A 94 -7.55 -7.27 24.46
CA THR A 94 -6.59 -7.40 25.55
C THR A 94 -6.75 -6.15 26.40
N SER A 95 -5.65 -5.47 26.72
CA SER A 95 -5.76 -4.14 27.28
C SER A 95 -6.16 -3.16 26.17
N THR A 96 -5.89 -3.57 24.92
CA THR A 96 -6.25 -2.80 23.74
C THR A 96 -7.04 -3.70 22.78
N VAL A 97 -7.71 -3.06 21.82
CA VAL A 97 -8.24 -3.77 20.68
C VAL A 97 -7.14 -3.88 19.63
N GLN A 98 -6.84 -5.11 19.21
CA GLN A 98 -5.80 -5.36 18.23
C GLN A 98 -6.37 -6.04 16.99
N LEU A 99 -5.82 -5.65 15.82
CA LEU A 99 -6.10 -6.32 14.56
C LEU A 99 -5.00 -7.35 14.32
N ILE A 100 -5.38 -8.48 13.73
CA ILE A 100 -4.49 -9.58 13.42
C ILE A 100 -4.51 -9.86 11.92
N THR A 101 -3.33 -10.02 11.33
CA THR A 101 -3.16 -10.40 9.94
C THR A 101 -1.93 -11.29 9.77
N GLN A 102 -1.82 -11.88 8.60
CA GLN A 102 -0.67 -12.67 8.22
C GLN A 102 0.55 -11.75 8.22
N LEU A 103 1.63 -12.20 8.87
CA LEU A 103 2.90 -11.48 8.84
C LEU A 103 3.36 -11.34 7.39
N MET A 104 3.77 -10.11 7.04
CA MET A 104 4.40 -9.84 5.76
C MET A 104 5.88 -9.72 6.05
N PRO A 105 6.66 -10.81 5.86
CA PRO A 105 8.00 -10.88 6.44
C PRO A 105 9.01 -9.92 5.85
N PHE A 106 8.79 -9.43 4.63
CA PHE A 106 9.74 -8.51 4.03
C PHE A 106 9.37 -7.05 4.26
N GLY A 107 8.33 -6.79 5.07
CA GLY A 107 8.06 -5.47 5.58
C GLY A 107 7.25 -4.64 4.58
N CYS A 108 7.47 -3.34 4.58
CA CYS A 108 6.79 -2.46 3.64
C CYS A 108 7.67 -2.16 2.44
N LEU A 109 7.01 -1.84 1.33
CA LEU A 109 7.71 -1.64 0.08
C LEU A 109 8.60 -0.38 0.10
N LEU A 110 8.21 0.67 0.84
CA LEU A 110 9.06 1.85 0.96
C LEU A 110 10.44 1.44 1.51
N ASP A 111 10.44 0.75 2.64
CA ASP A 111 11.71 0.28 3.21
C ASP A 111 12.42 -0.68 2.28
N TYR A 112 11.65 -1.59 1.65
CA TYR A 112 12.22 -2.64 0.81
C TYR A 112 13.00 -2.03 -0.36
N VAL A 113 12.44 -1.01 -1.03
CA VAL A 113 13.11 -0.47 -2.19
C VAL A 113 14.35 0.35 -1.79
N ARG A 114 14.34 0.93 -0.60
CA ARG A 114 15.50 1.67 -0.13
C ARG A 114 16.62 0.69 0.21
N GLU A 115 16.26 -0.46 0.76
CA GLU A 115 17.24 -1.39 1.29
C GLU A 115 17.78 -2.37 0.24
N HIS A 116 17.06 -2.61 -0.86
CA HIS A 116 17.45 -3.59 -1.85
C HIS A 116 17.65 -2.96 -3.22
N LYS A 117 18.00 -1.68 -3.25
CA LYS A 117 18.09 -0.95 -4.51
C LYS A 117 18.98 -1.71 -5.49
N ASP A 118 20.13 -2.20 -5.02
CA ASP A 118 21.17 -2.76 -5.87
C ASP A 118 20.76 -4.09 -6.49
N ASN A 119 19.64 -4.71 -6.08
CA ASN A 119 19.15 -5.91 -6.75
C ASN A 119 17.72 -5.77 -7.24
N ILE A 120 17.17 -4.54 -7.24
CA ILE A 120 15.83 -4.37 -7.79
C ILE A 120 15.92 -4.04 -9.27
N GLY A 121 15.48 -5.00 -10.09
CA GLY A 121 15.47 -4.86 -11.53
C GLY A 121 14.14 -4.33 -12.05
N SER A 122 14.12 -4.08 -13.36
CA SER A 122 12.97 -3.52 -14.05
C SER A 122 11.76 -4.42 -13.90
N GLN A 123 11.96 -5.75 -13.92
CA GLN A 123 10.81 -6.65 -13.89
C GLN A 123 10.10 -6.55 -12.54
N TYR A 124 10.85 -6.36 -11.45
CA TYR A 124 10.23 -6.27 -10.13
C TYR A 124 9.40 -4.98 -10.00
N LEU A 125 9.99 -3.85 -10.39
CA LEU A 125 9.29 -2.55 -10.28
C LEU A 125 7.98 -2.56 -11.06
N LEU A 126 7.98 -3.07 -12.30
CA LEU A 126 6.78 -3.04 -13.11
C LEU A 126 5.71 -3.98 -12.55
N ASN A 127 6.12 -5.17 -12.08
CA ASN A 127 5.22 -6.13 -11.48
CA ASN A 127 5.18 -6.12 -11.50
C ASN A 127 4.55 -5.54 -10.24
N TRP A 128 5.33 -4.84 -9.40
CA TRP A 128 4.74 -4.19 -8.24
C TRP A 128 3.67 -3.17 -8.68
N CYS A 129 3.95 -2.43 -9.76
CA CYS A 129 2.97 -1.47 -10.27
C CYS A 129 1.68 -2.16 -10.68
N VAL A 130 1.82 -3.28 -11.39
CA VAL A 130 0.65 -4.05 -11.80
C VAL A 130 -0.14 -4.50 -10.57
N GLN A 131 0.56 -5.05 -9.57
CA GLN A 131 -0.12 -5.66 -8.42
C GLN A 131 -0.87 -4.63 -7.60
N ILE A 132 -0.25 -3.47 -7.37
CA ILE A 132 -0.90 -2.40 -6.64
C ILE A 132 -2.14 -1.96 -7.41
N ALA A 133 -2.05 -1.86 -8.74
CA ALA A 133 -3.19 -1.44 -9.54
C ALA A 133 -4.31 -2.50 -9.46
N LYS A 134 -3.93 -3.77 -9.39
CA LYS A 134 -4.93 -4.84 -9.28
C LYS A 134 -5.66 -4.77 -7.94
N GLY A 135 -4.89 -4.55 -6.87
CA GLY A 135 -5.44 -4.37 -5.54
C GLY A 135 -6.39 -3.17 -5.47
N MET A 136 -6.01 -2.06 -6.12
CA MET A 136 -6.84 -0.87 -6.08
C MET A 136 -8.12 -1.07 -6.90
N ASN A 137 -8.02 -1.74 -8.05
CA ASN A 137 -9.19 -2.03 -8.88
C ASN A 137 -10.19 -2.89 -8.10
N TYR A 138 -9.65 -3.86 -7.35
CA TYR A 138 -10.44 -4.71 -6.46
C TYR A 138 -11.21 -3.88 -5.43
N LEU A 139 -10.53 -2.91 -4.82
CA LEU A 139 -11.17 -2.05 -3.84
C LEU A 139 -12.20 -1.13 -4.48
N GLU A 140 -11.88 -0.57 -5.65
CA GLU A 140 -12.81 0.28 -6.36
C GLU A 140 -14.11 -0.49 -6.69
N ASP A 141 -13.97 -1.74 -7.12
CA ASP A 141 -15.11 -2.60 -7.41
C ASP A 141 -16.00 -2.78 -6.18
N ARG A 142 -15.44 -2.63 -4.97
CA ARG A 142 -16.15 -2.77 -3.72
C ARG A 142 -16.50 -1.42 -3.11
N ARG A 143 -16.38 -0.36 -3.92
CA ARG A 143 -16.82 0.98 -3.56
C ARG A 143 -15.93 1.58 -2.47
N LEU A 144 -14.68 1.12 -2.35
CA LEU A 144 -13.80 1.59 -1.28
C LEU A 144 -12.81 2.62 -1.85
N VAL A 145 -12.81 3.81 -1.23
CA VAL A 145 -11.81 4.84 -1.48
C VAL A 145 -10.78 4.75 -0.35
N HIS A 146 -9.54 4.43 -0.72
CA HIS A 146 -8.52 4.07 0.26
C HIS A 146 -8.06 5.30 1.05
N ARG A 147 -7.75 6.38 0.32
CA ARG A 147 -7.41 7.68 0.86
C ARG A 147 -6.00 7.72 1.47
N ASP A 148 -5.25 6.61 1.46
CA ASP A 148 -3.91 6.65 2.01
C ASP A 148 -2.94 5.71 1.28
N LEU A 149 -3.08 5.62 -0.06
CA LEU A 149 -2.18 4.78 -0.82
C LEU A 149 -0.82 5.49 -0.90
N ALA A 150 0.23 4.73 -0.54
CA ALA A 150 1.60 5.21 -0.45
C ALA A 150 2.50 3.98 -0.34
N ALA A 151 3.77 4.12 -0.70
CA ALA A 151 4.71 3.00 -0.61
C ALA A 151 4.81 2.47 0.82
N ARG A 152 4.64 3.34 1.81
CA ARG A 152 4.69 2.95 3.22
C ARG A 152 3.53 2.01 3.58
N ASN A 153 2.47 2.00 2.77
CA ASN A 153 1.28 1.22 3.06
C ASN A 153 1.08 0.10 2.03
N VAL A 154 2.15 -0.33 1.38
CA VAL A 154 2.17 -1.54 0.58
C VAL A 154 3.17 -2.46 1.26
N LEU A 155 2.74 -3.69 1.50
CA LEU A 155 3.53 -4.68 2.22
C LEU A 155 4.02 -5.77 1.28
N VAL A 156 5.11 -6.44 1.69
CA VAL A 156 5.83 -7.37 0.84
C VAL A 156 5.74 -8.76 1.47
N LYS A 157 4.88 -9.61 0.88
CA LYS A 157 4.73 -10.98 1.34
C LYS A 157 5.92 -11.81 0.89
N THR A 158 6.27 -11.67 -0.40
CA THR A 158 7.53 -12.10 -0.97
C THR A 158 7.97 -10.97 -1.89
N PRO A 159 9.24 -10.91 -2.36
CA PRO A 159 9.62 -9.87 -3.30
C PRO A 159 8.78 -9.84 -4.58
N GLN A 160 8.09 -10.95 -4.91
CA GLN A 160 7.26 -11.04 -6.09
C GLN A 160 5.77 -10.80 -5.79
N HIS A 161 5.42 -10.47 -4.55
CA HIS A 161 4.01 -10.46 -4.16
C HIS A 161 3.76 -9.43 -3.06
N VAL A 162 2.98 -8.39 -3.38
CA VAL A 162 2.73 -7.28 -2.47
C VAL A 162 1.23 -7.14 -2.25
N LYS A 163 0.88 -6.48 -1.16
CA LYS A 163 -0.49 -6.29 -0.74
C LYS A 163 -0.66 -4.87 -0.17
N ILE A 164 -1.82 -4.27 -0.44
CA ILE A 164 -2.17 -2.97 0.10
C ILE A 164 -2.64 -3.12 1.54
N THR A 165 -2.20 -2.21 2.40
CA THR A 165 -2.61 -2.22 3.81
C THR A 165 -3.06 -0.83 4.25
N ASP A 166 -3.34 -0.75 5.55
CA ASP A 166 -3.72 0.46 6.29
C ASP A 166 -5.04 1.06 5.79
N PHE A 167 -6.14 0.66 6.44
CA PHE A 167 -7.46 1.12 6.05
C PHE A 167 -7.97 2.17 7.03
N GLY A 168 -7.03 2.86 7.69
CA GLY A 168 -7.33 3.85 8.71
C GLY A 168 -8.11 5.05 8.18
N LEU A 169 -7.91 5.40 6.90
CA LEU A 169 -8.58 6.54 6.31
C LEU A 169 -9.66 6.12 5.31
N ALA A 170 -9.81 4.81 5.06
CA ALA A 170 -10.60 4.34 3.93
C ALA A 170 -12.10 4.52 4.21
N LYS A 171 -12.84 4.81 3.14
CA LYS A 171 -14.27 5.03 3.21
C LYS A 171 -15.01 4.23 2.14
N LEU A 172 -16.15 3.64 2.54
CA LEU A 172 -17.03 2.95 1.63
C LEU A 172 -18.05 3.95 1.10
N LEU A 173 -18.22 3.99 -0.22
CA LEU A 173 -19.19 4.87 -0.86
C LEU A 173 -20.54 4.17 -0.89
N GLY A 174 -21.59 4.93 -0.54
CA GLY A 174 -22.96 4.50 -0.71
C GLY A 174 -23.30 4.29 -2.19
N ALA A 175 -24.39 3.56 -2.43
CA ALA A 175 -24.81 3.14 -3.77
C ALA A 175 -24.90 4.32 -4.75
N GLU A 176 -25.34 5.49 -4.28
CA GLU A 176 -25.55 6.65 -5.14
C GLU A 176 -24.38 7.64 -5.07
N GLU A 177 -23.35 7.36 -4.26
CA GLU A 177 -22.30 8.31 -3.98
C GLU A 177 -21.10 8.10 -4.92
N LYS A 178 -20.54 9.22 -5.40
CA LYS A 178 -19.36 9.20 -6.24
C LYS A 178 -18.17 9.78 -5.48
N GLU A 179 -18.41 10.45 -4.35
CA GLU A 179 -17.34 11.10 -3.62
C GLU A 179 -17.56 11.00 -2.11
N TYR A 180 -16.43 11.08 -1.40
CA TYR A 180 -16.43 11.26 0.03
C TYR A 180 -15.96 12.68 0.34
N HIS A 181 -16.71 13.37 1.21
CA HIS A 181 -16.32 14.70 1.69
C HIS A 181 -15.80 14.57 3.12
N ALA A 182 -14.55 14.99 3.36
CA ALA A 182 -13.92 14.81 4.65
C ALA A 182 -14.16 16.00 5.57
N GLU A 183 -13.96 15.74 6.88
CA GLU A 183 -13.87 16.71 7.96
C GLU A 183 -12.41 17.15 8.10
N GLY A 184 -11.98 17.57 9.31
CA GLY A 184 -10.73 18.29 9.48
C GLY A 184 -9.58 17.46 10.04
N GLY A 185 -9.59 16.14 9.82
CA GLY A 185 -8.53 15.27 10.31
C GLY A 185 -7.22 15.44 9.55
N LYS A 186 -6.16 14.83 10.09
CA LYS A 186 -4.81 14.87 9.52
C LYS A 186 -4.77 13.97 8.29
N VAL A 187 -4.18 14.45 7.18
CA VAL A 187 -4.18 13.71 5.93
C VAL A 187 -2.84 13.85 5.20
N PRO A 188 -2.48 12.90 4.32
CA PRO A 188 -1.17 12.90 3.68
C PRO A 188 -1.09 13.80 2.45
N ILE A 189 -0.90 15.11 2.67
CA ILE A 189 -0.97 16.14 1.64
C ILE A 189 -0.13 15.81 0.41
N LYS A 190 1.09 15.28 0.59
CA LYS A 190 2.02 15.10 -0.51
C LYS A 190 1.64 13.90 -1.40
N TRP A 191 0.64 13.12 -0.98
CA TRP A 191 0.11 12.01 -1.78
C TRP A 191 -1.26 12.32 -2.37
N MET A 192 -1.81 13.51 -2.04
CA MET A 192 -3.21 13.82 -2.32
C MET A 192 -3.41 14.56 -3.64
N ALA A 193 -4.55 14.27 -4.29
CA ALA A 193 -5.02 15.02 -5.43
C ALA A 193 -5.30 16.48 -5.04
N LEU A 194 -5.09 17.40 -5.98
CA LEU A 194 -5.39 18.82 -5.74
C LEU A 194 -6.79 19.04 -5.15
N GLU A 195 -7.82 18.39 -5.71
CA GLU A 195 -9.19 18.61 -5.27
C GLU A 195 -9.40 18.11 -3.83
N SER A 196 -8.58 17.17 -3.38
CA SER A 196 -8.67 16.69 -2.01
C SER A 196 -8.07 17.73 -1.07
N ILE A 197 -6.98 18.39 -1.51
CA ILE A 197 -6.33 19.40 -0.70
C ILE A 197 -7.26 20.61 -0.59
N LEU A 198 -7.80 21.08 -1.71
CA LEU A 198 -8.59 22.31 -1.75
C LEU A 198 -9.99 22.12 -1.17
N HIS A 199 -10.64 20.97 -1.46
CA HIS A 199 -12.08 20.82 -1.27
C HIS A 199 -12.45 19.63 -0.37
N ARG A 200 -11.45 18.88 0.11
CA ARG A 200 -11.65 17.71 0.95
C ARG A 200 -12.54 16.66 0.28
N ILE A 201 -12.47 16.59 -1.06
CA ILE A 201 -13.22 15.64 -1.86
C ILE A 201 -12.30 14.46 -2.18
N TYR A 202 -12.81 13.23 -1.99
CA TYR A 202 -12.03 12.04 -2.30
C TYR A 202 -12.87 11.08 -3.13
N THR A 203 -12.25 10.51 -4.15
CA THR A 203 -12.89 9.63 -5.10
C THR A 203 -11.92 8.51 -5.45
N HIS A 204 -12.39 7.58 -6.29
CA HIS A 204 -11.48 6.61 -6.88
C HIS A 204 -10.38 7.33 -7.67
N GLN A 205 -10.72 8.44 -8.32
CA GLN A 205 -9.75 9.14 -9.16
C GLN A 205 -8.73 9.91 -8.32
N SER A 206 -9.06 10.23 -7.07
CA SER A 206 -8.07 10.82 -6.17
C SER A 206 -7.12 9.71 -5.68
N ASP A 207 -7.61 8.47 -5.57
CA ASP A 207 -6.72 7.36 -5.25
C ASP A 207 -5.74 7.16 -6.41
N VAL A 208 -6.16 7.45 -7.63
CA VAL A 208 -5.29 7.29 -8.80
C VAL A 208 -4.13 8.27 -8.69
N TRP A 209 -4.40 9.49 -8.23
CA TRP A 209 -3.32 10.44 -8.01
C TRP A 209 -2.30 9.86 -7.03
N SER A 210 -2.78 9.34 -5.89
CA SER A 210 -1.92 8.75 -4.88
C SER A 210 -1.13 7.56 -5.44
N TYR A 211 -1.77 6.79 -6.32
CA TYR A 211 -1.10 5.70 -7.02
C TYR A 211 0.08 6.22 -7.82
N GLY A 212 -0.11 7.32 -8.56
CA GLY A 212 1.00 7.88 -9.31
C GLY A 212 2.18 8.28 -8.39
N VAL A 213 1.88 8.87 -7.23
CA VAL A 213 2.92 9.23 -6.27
C VAL A 213 3.62 7.98 -5.76
N THR A 214 2.83 6.92 -5.52
CA THR A 214 3.37 5.65 -5.04
C THR A 214 4.34 5.06 -6.07
N VAL A 215 3.95 5.07 -7.34
CA VAL A 215 4.81 4.65 -8.45
C VAL A 215 6.11 5.46 -8.47
N TRP A 216 6.02 6.78 -8.34
CA TRP A 216 7.20 7.63 -8.24
C TRP A 216 8.13 7.20 -7.08
N GLU A 217 7.56 6.92 -5.91
CA GLU A 217 8.36 6.46 -4.78
C GLU A 217 9.13 5.18 -5.14
N LEU A 218 8.47 4.25 -5.82
CA LEU A 218 9.14 3.02 -6.18
C LEU A 218 10.27 3.27 -7.17
N MET A 219 10.00 4.07 -8.20
CA MET A 219 10.96 4.26 -9.31
C MET A 219 12.17 5.10 -8.89
N THR A 220 12.04 5.84 -7.79
CA THR A 220 13.17 6.57 -7.21
C THR A 220 13.84 5.79 -6.09
N PHE A 221 13.41 4.53 -5.87
CA PHE A 221 13.92 3.69 -4.78
C PHE A 221 13.71 4.37 -3.43
N GLY A 222 12.55 5.02 -3.26
CA GLY A 222 12.10 5.48 -1.96
C GLY A 222 12.53 6.90 -1.64
N SER A 223 12.69 7.77 -2.67
CA SER A 223 12.82 9.20 -2.41
C SER A 223 11.55 9.73 -1.75
N LYS A 224 11.73 10.79 -0.95
CA LYS A 224 10.65 11.51 -0.32
C LYS A 224 10.10 12.52 -1.31
N PRO A 225 8.78 12.51 -1.59
CA PRO A 225 8.23 13.45 -2.55
C PRO A 225 8.25 14.89 -2.04
N TYR A 226 8.65 15.81 -2.93
CA TYR A 226 8.69 17.23 -2.63
C TYR A 226 9.53 17.44 -1.37
N ASP A 227 10.72 16.85 -1.35
CA ASP A 227 11.59 16.85 -0.18
C ASP A 227 12.01 18.29 0.12
N GLY A 228 11.82 18.72 1.36
CA GLY A 228 12.19 20.06 1.83
C GLY A 228 11.17 21.14 1.48
N ILE A 229 10.02 20.76 0.90
CA ILE A 229 8.96 21.66 0.55
C ILE A 229 7.87 21.52 1.61
N PRO A 230 7.40 22.61 2.25
CA PRO A 230 6.34 22.47 3.24
C PRO A 230 5.00 22.08 2.63
N ALA A 231 4.23 21.28 3.38
CA ALA A 231 2.95 20.78 2.90
C ALA A 231 2.00 21.90 2.52
N SER A 232 2.13 23.04 3.21
CA SER A 232 1.29 24.21 2.96
C SER A 232 1.49 24.80 1.55
N GLU A 233 2.63 24.49 0.91
CA GLU A 233 2.95 25.06 -0.39
C GLU A 233 2.49 24.16 -1.55
N ILE A 234 2.09 22.93 -1.25
CA ILE A 234 1.84 21.96 -2.31
C ILE A 234 0.72 22.39 -3.24
N SER A 235 -0.42 22.86 -2.74
CA SER A 235 -1.50 23.23 -3.64
C SER A 235 -1.03 24.29 -4.64
N SER A 236 -0.20 25.25 -4.20
CA SER A 236 0.24 26.31 -5.09
C SER A 236 1.20 25.76 -6.16
N ILE A 237 2.08 24.83 -5.77
CA ILE A 237 2.98 24.16 -6.72
C ILE A 237 2.16 23.42 -7.77
N LEU A 238 1.15 22.67 -7.35
CA LEU A 238 0.33 21.90 -8.29
C LEU A 238 -0.42 22.86 -9.21
N GLU A 239 -0.93 23.97 -8.65
CA GLU A 239 -1.71 24.92 -9.45
C GLU A 239 -0.82 25.57 -10.51
N LYS A 240 0.47 25.70 -10.25
CA LYS A 240 1.41 26.28 -11.21
C LYS A 240 1.84 25.27 -12.27
N GLY A 241 1.36 24.01 -12.18
CA GLY A 241 1.68 23.00 -13.16
C GLY A 241 2.96 22.20 -12.83
N GLU A 242 3.53 22.38 -11.64
CA GLU A 242 4.74 21.67 -11.27
C GLU A 242 4.34 20.30 -10.70
N ARG A 243 5.21 19.32 -10.94
CA ARG A 243 4.97 17.96 -10.54
C ARG A 243 6.28 17.35 -10.10
N LEU A 244 6.18 16.16 -9.51
CA LEU A 244 7.34 15.36 -9.17
C LEU A 244 8.17 15.11 -10.42
N PRO A 245 9.52 15.08 -10.28
CA PRO A 245 10.42 14.98 -11.42
C PRO A 245 10.49 13.58 -12.03
N GLN A 246 11.03 13.50 -13.25
CA GLN A 246 11.19 12.21 -13.91
C GLN A 246 12.33 11.42 -13.25
N PRO A 247 12.04 10.24 -12.64
CA PRO A 247 13.10 9.42 -12.11
C PRO A 247 14.08 8.98 -13.20
N PRO A 248 15.40 8.98 -12.91
CA PRO A 248 16.40 8.64 -13.92
C PRO A 248 16.23 7.28 -14.60
N ILE A 249 15.67 6.27 -13.92
CA ILE A 249 15.48 4.97 -14.57
C ILE A 249 14.27 4.96 -15.52
N CYS A 250 13.37 5.94 -15.40
CA CYS A 250 12.11 5.89 -16.11
C CYS A 250 12.23 6.41 -17.54
N THR A 251 11.82 5.58 -18.49
CA THR A 251 11.63 6.05 -19.86
C THR A 251 10.38 6.91 -19.88
N ILE A 252 10.15 7.60 -21.00
CA ILE A 252 9.14 8.62 -21.08
C ILE A 252 7.74 8.00 -20.89
N ASP A 253 7.50 6.79 -21.43
CA ASP A 253 6.16 6.23 -21.33
C ASP A 253 5.77 5.96 -19.88
N VAL A 254 6.75 5.60 -19.05
CA VAL A 254 6.47 5.35 -17.64
C VAL A 254 6.18 6.68 -16.93
N TYR A 255 7.00 7.70 -17.22
CA TYR A 255 6.77 8.99 -16.60
C TYR A 255 5.42 9.59 -17.03
N MET A 256 5.02 9.38 -18.29
CA MET A 256 3.78 9.96 -18.76
C MET A 256 2.60 9.34 -18.03
N ILE A 257 2.69 8.06 -17.62
CA ILE A 257 1.62 7.48 -16.80
C ILE A 257 1.44 8.26 -15.51
N MET A 258 2.56 8.51 -14.83
CA MET A 258 2.56 9.30 -13.60
C MET A 258 1.96 10.68 -13.85
N ARG A 259 2.38 11.34 -14.94
CA ARG A 259 1.87 12.67 -15.22
C ARG A 259 0.35 12.63 -15.48
N LYS A 260 -0.16 11.57 -16.10
CA LYS A 260 -1.60 11.44 -16.35
CA LYS A 260 -1.60 11.46 -16.34
C LYS A 260 -2.35 11.24 -15.03
N CYS A 261 -1.71 10.54 -14.07
CA CYS A 261 -2.32 10.35 -12.76
C CYS A 261 -2.42 11.68 -12.01
N TRP A 262 -1.59 12.67 -12.39
CA TRP A 262 -1.59 13.94 -11.68
C TRP A 262 -2.20 15.07 -12.51
N MET A 263 -3.14 14.71 -13.39
CA MET A 263 -3.91 15.72 -14.12
C MET A 263 -4.89 16.43 -13.18
N ILE A 264 -5.12 17.73 -13.45
CA ILE A 264 -6.07 18.51 -12.68
C ILE A 264 -7.47 17.92 -12.79
N ASP A 265 -7.86 17.55 -14.01
CA ASP A 265 -9.18 16.99 -14.22
C ASP A 265 -9.21 15.52 -13.81
N ALA A 266 -9.93 15.21 -12.71
CA ALA A 266 -9.91 13.88 -12.12
C ALA A 266 -10.37 12.82 -13.13
N ASP A 267 -11.38 13.15 -13.94
CA ASP A 267 -11.91 12.16 -14.87
C ASP A 267 -10.99 11.93 -16.06
N SER A 268 -9.98 12.79 -16.28
CA SER A 268 -8.98 12.60 -17.33
C SER A 268 -7.88 11.64 -16.91
N ARG A 269 -7.73 11.43 -15.60
CA ARG A 269 -6.72 10.54 -15.08
C ARG A 269 -7.04 9.12 -15.49
N PRO A 270 -6.02 8.23 -15.56
CA PRO A 270 -6.24 6.82 -15.87
C PRO A 270 -7.15 6.16 -14.84
N LYS A 271 -7.84 5.10 -15.28
CA LYS A 271 -8.54 4.23 -14.34
C LYS A 271 -7.63 3.08 -13.91
N PHE A 272 -7.86 2.54 -12.71
CA PHE A 272 -7.03 1.43 -12.26
C PHE A 272 -7.04 0.28 -13.28
N ARG A 273 -8.22 0.00 -13.87
CA ARG A 273 -8.33 -1.02 -14.90
C ARG A 273 -7.36 -0.76 -16.04
N GLU A 274 -7.22 0.50 -16.46
CA GLU A 274 -6.32 0.83 -17.54
C GLU A 274 -4.86 0.71 -17.12
N LEU A 275 -4.57 1.06 -15.86
CA LEU A 275 -3.21 0.98 -15.35
C LEU A 275 -2.74 -0.47 -15.28
N ILE A 276 -3.62 -1.38 -14.87
CA ILE A 276 -3.30 -2.80 -14.90
C ILE A 276 -2.79 -3.18 -16.29
N ILE A 277 -3.55 -2.80 -17.32
CA ILE A 277 -3.25 -3.18 -18.69
C ILE A 277 -1.93 -2.57 -19.16
N GLU A 278 -1.76 -1.26 -18.93
CA GLU A 278 -0.55 -0.60 -19.39
C GLU A 278 0.69 -1.14 -18.70
N PHE A 279 0.68 -1.28 -17.37
CA PHE A 279 1.87 -1.76 -16.68
C PHE A 279 2.11 -3.26 -16.99
N SER A 280 1.04 -4.01 -17.27
CA SER A 280 1.21 -5.39 -17.69
C SER A 280 1.97 -5.44 -19.02
N LYS A 281 1.63 -4.53 -19.95
CA LYS A 281 2.28 -4.44 -21.23
C LYS A 281 3.77 -4.16 -21.05
N MET A 282 4.09 -3.19 -20.18
CA MET A 282 5.47 -2.89 -19.89
C MET A 282 6.19 -4.07 -19.23
N ALA A 283 5.52 -4.79 -18.34
CA ALA A 283 6.17 -5.89 -17.64
C ALA A 283 6.51 -7.04 -18.63
N ARG A 284 5.89 -7.03 -19.81
CA ARG A 284 6.19 -8.03 -20.84
C ARG A 284 7.49 -7.70 -21.57
N ASP A 285 7.93 -6.42 -21.52
CA ASP A 285 9.22 -6.04 -22.08
C ASP A 285 9.90 -5.04 -21.15
N PRO A 286 10.33 -5.46 -19.94
CA PRO A 286 10.66 -4.53 -18.86
C PRO A 286 11.84 -3.63 -19.15
N GLN A 287 12.84 -4.12 -19.89
CA GLN A 287 14.05 -3.35 -20.11
C GLN A 287 13.84 -2.28 -21.17
N ARG A 288 12.77 -2.38 -21.94
CA ARG A 288 12.34 -1.31 -22.83
C ARG A 288 11.88 -0.09 -22.04
N TYR A 289 11.28 -0.31 -20.85
CA TYR A 289 10.54 0.75 -20.16
C TYR A 289 11.30 1.33 -18.97
N LEU A 290 12.15 0.54 -18.31
CA LEU A 290 13.00 1.05 -17.25
C LEU A 290 14.45 0.71 -17.60
N VAL A 291 15.35 1.67 -17.36
CA VAL A 291 16.76 1.54 -17.68
C VAL A 291 17.56 1.52 -16.38
N ILE A 292 17.99 0.31 -16.00
CA ILE A 292 18.68 0.05 -14.76
C ILE A 292 20.00 -0.65 -15.08
N GLN A 293 21.11 -0.07 -14.62
CA GLN A 293 22.44 -0.61 -14.83
C GLN A 293 22.54 -1.94 -14.08
N GLY A 294 22.96 -2.99 -14.80
CA GLY A 294 23.24 -4.28 -14.20
C GLY A 294 21.98 -5.12 -13.99
N ASP A 295 20.88 -4.73 -14.68
CA ASP A 295 19.54 -5.27 -14.47
C ASP A 295 19.54 -6.80 -14.54
N GLU A 296 20.11 -7.33 -15.62
CA GLU A 296 20.10 -8.76 -15.90
C GLU A 296 20.90 -9.55 -14.87
N ARG A 297 21.81 -8.91 -14.13
CA ARG A 297 22.65 -9.59 -13.16
C ARG A 297 22.02 -9.58 -11.77
N MET A 298 20.88 -8.90 -11.59
CA MET A 298 20.25 -8.78 -10.29
C MET A 298 19.34 -9.97 -10.00
N HIS A 299 19.24 -10.34 -8.71
CA HIS A 299 18.33 -11.38 -8.27
C HIS A 299 17.82 -11.04 -6.87
N LEU A 300 16.54 -11.36 -6.62
CA LEU A 300 15.95 -11.30 -5.29
C LEU A 300 15.43 -12.69 -4.93
N PRO A 301 15.28 -13.04 -3.63
CA PRO A 301 14.72 -14.34 -3.26
C PRO A 301 13.33 -14.57 -3.82
N SER A 302 13.07 -15.79 -4.35
CA SER A 302 11.75 -16.17 -4.88
C SER A 302 11.30 -17.51 -4.30
N PRO A 303 9.96 -17.77 -4.14
CA PRO A 303 9.50 -19.00 -3.52
C PRO A 303 9.74 -20.26 -4.34
N THR A 304 10.08 -20.09 -5.61
CA THR A 304 10.44 -21.22 -6.46
C THR A 304 11.88 -21.63 -6.19
N ASP A 305 12.65 -20.79 -5.47
CA ASP A 305 14.01 -21.13 -5.08
C ASP A 305 13.97 -22.22 -4.01
N SER A 306 14.91 -23.16 -4.13
CA SER A 306 15.06 -24.26 -3.18
C SER A 306 15.22 -23.69 -1.78
N ASN A 307 16.01 -22.61 -1.68
CA ASN A 307 16.44 -22.05 -0.41
C ASN A 307 15.61 -20.84 0.00
N PHE A 308 14.43 -20.63 -0.58
CA PHE A 308 13.61 -19.47 -0.21
C PHE A 308 13.35 -19.45 1.30
N TYR A 309 13.12 -20.63 1.90
CA TYR A 309 12.84 -20.74 3.33
C TYR A 309 13.91 -20.04 4.17
N ARG A 310 15.15 -19.99 3.68
CA ARG A 310 16.24 -19.30 4.34
C ARG A 310 15.91 -17.83 4.51
N ALA A 311 15.54 -17.17 3.39
CA ALA A 311 15.17 -15.76 3.40
C ALA A 311 14.07 -15.48 4.41
N LEU A 312 13.05 -16.36 4.43
CA LEU A 312 11.89 -16.21 5.30
C LEU A 312 12.32 -16.20 6.76
N MET A 313 13.06 -17.22 7.20
CA MET A 313 13.51 -17.29 8.58
C MET A 313 14.32 -16.06 8.96
N ASP A 314 15.20 -15.61 8.04
CA ASP A 314 16.04 -14.44 8.24
C ASP A 314 15.18 -13.19 8.49
N GLU A 315 14.05 -13.09 7.78
CA GLU A 315 13.17 -11.94 7.81
C GLU A 315 12.14 -12.08 8.94
N GLU A 316 11.39 -13.20 8.93
CA GLU A 316 10.42 -13.51 9.98
C GLU A 316 11.11 -13.48 11.34
N ASP A 317 12.18 -14.27 11.49
CA ASP A 317 13.03 -14.26 12.67
C ASP A 317 12.19 -14.45 13.94
N GLU A 326 4.17 12.56 7.28
CA GLU A 326 3.28 12.16 6.16
C GLU A 326 1.93 12.86 6.30
N TYR A 327 1.33 12.77 7.51
CA TYR A 327 -0.01 13.25 7.77
C TYR A 327 0.04 14.64 8.43
N LEU A 328 -0.70 15.59 7.83
CA LEU A 328 -0.79 16.97 8.29
C LEU A 328 -2.26 17.39 8.33
N ILE A 329 -2.61 18.31 9.24
CA ILE A 329 -3.97 18.88 9.29
C ILE A 329 -4.19 19.75 8.04
N PRO A 330 -5.29 19.56 7.25
CA PRO A 330 -5.51 20.32 6.02
C PRO A 330 -5.59 21.83 6.24
N1 A1A4E B . -0.62 -3.80 8.62
N3 A1A4E B . 0.22 0.68 8.29
C4 A1A4E B . -2.50 -6.04 11.61
C5 A1A4E B . -1.18 -5.72 11.75
C6 A1A4E B . -0.53 -4.96 10.78
C7 A1A4E B . -1.23 -4.51 9.66
C8 A1A4E B . 0.60 -3.13 8.68
C10 A1A4E B . 2.07 -1.39 8.69
C13 A1A4E B . 1.61 0.94 7.96
C15 A1A4E B . 2.39 -5.00 8.80
C17 A1A4E B . 1.94 -7.29 8.25
C20 A1A4E B . 4.77 -4.47 9.54
C21 A1A4E B . 5.57 -3.71 9.90
C22 A1A4E B . 6.53 -2.70 10.41
C24 A1A4E B . 7.54 -3.36 11.34
C26 A1A4E B . 8.70 -2.06 9.60
C28 A1A4E B . 7.55 -0.61 7.33
C1 A1A4E B . -3.93 -3.21 8.57
O1 A1A4E B . -3.28 -4.45 8.40
C2 A1A4E B . -2.56 -4.88 9.50
C3 A1A4E B . -3.20 -5.61 10.51
CL A1A4E B . -4.85 -6.02 10.27
C9 A1A4E B . 1.91 -3.61 8.82
N2 A1A4E B . 2.74 -2.53 8.76
C11 A1A4E B . 0.73 -1.67 8.60
C12 A1A4E B . -0.26 -0.59 8.53
O2 A1A4E B . -1.45 -0.78 8.76
C14 A1A4E B . 2.61 0.02 8.64
C16 A1A4E B . 1.50 -6.00 8.37
N4 A1A4E B . 3.19 -7.61 8.51
C18 A1A4E B . 4.08 -6.71 8.89
C19 A1A4E B . 3.74 -5.39 9.07
C23 A1A4E B . 5.74 -1.72 11.24
C25 A1A4E B . 8.91 -3.20 10.63
N5 A1A4E B . 7.23 -1.99 9.35
C27 A1A4E B . 6.63 -1.31 8.34
O3 A1A4E B . 5.41 -1.30 8.28
C29 A1A4E B . 6.88 0.46 6.48
C30 A1A4E B . 7.37 1.92 6.47
N6 A1A4E B . 6.80 2.66 7.60
C31 A1A4E B . 5.30 2.50 7.60
C32 A1A4E B . 7.14 4.07 7.48
CL CL C . -3.61 18.73 -16.08
CL CL D . 2.70 -9.46 -11.18
CL CL E . 2.56 14.77 3.42
CL CL F . -4.40 2.98 10.70
C1 EDO G . -4.73 6.14 -19.26
O1 EDO G . -3.81 5.31 -19.93
C2 EDO G . -5.44 7.11 -20.14
O2 EDO G . -6.62 7.65 -19.56
C1 EDO H . 6.90 -14.75 14.43
O1 EDO H . 7.65 -15.14 13.30
C2 EDO H . 7.61 -14.94 15.71
O2 EDO H . 7.53 -13.83 16.58
C1 EDO I . 19.92 -6.42 -1.79
O1 EDO I . 19.01 -7.30 -2.36
C2 EDO I . 20.79 -5.77 -2.79
O2 EDO I . 21.07 -4.42 -2.49
C1 EDO J . 12.11 15.18 -3.91
O1 EDO J . 13.11 14.17 -3.85
C2 EDO J . 11.66 15.48 -5.30
O2 EDO J . 10.48 16.25 -5.36
C1 EDO K . 3.25 22.63 6.42
O1 EDO K . 1.91 22.80 6.02
C2 EDO K . 4.05 23.87 6.56
O2 EDO K . 3.60 24.76 7.55
C1 EDO L . 16.31 7.10 -2.62
O1 EDO L . 16.38 8.48 -2.29
C2 EDO L . 16.94 6.20 -1.60
O2 EDO L . 17.14 4.88 -2.10
C1 EDO M . 5.90 19.34 5.38
O1 EDO M . 7.22 18.95 5.71
C2 EDO M . 5.23 20.06 6.48
O2 EDO M . 5.76 21.34 6.75
C1 EDO N . 10.89 16.33 3.92
O1 EDO N . 10.92 15.14 3.16
C2 EDO N . 9.80 17.20 3.50
O2 EDO N . 9.90 18.53 3.96
C1 EDO O . -10.86 -12.35 25.21
O1 EDO O . -10.43 -11.04 25.52
C2 EDO O . -9.85 -13.38 25.54
O2 EDO O . -8.66 -13.27 24.79
C1 GOL P . 9.99 4.76 -24.00
O1 GOL P . 9.03 4.77 -22.95
C2 GOL P . 9.39 4.32 -25.31
O2 GOL P . 8.51 3.21 -25.08
C3 GOL P . 10.43 3.92 -26.34
O3 GOL P . 10.79 2.56 -26.19
C1 GOL Q . 8.19 19.67 -13.62
O1 GOL Q . 7.45 20.22 -12.54
C2 GOL Q . 8.65 18.26 -13.34
O2 GOL Q . 9.40 18.23 -12.12
C3 GOL Q . 9.48 17.70 -14.48
O3 GOL Q . 10.83 18.16 -14.40
C1 GOL R . -0.74 15.85 -18.55
O1 GOL R . 0.50 16.43 -18.17
C2 GOL R . -1.07 16.22 -19.97
O2 GOL R . 0.11 16.68 -20.64
C3 GOL R . -1.65 15.06 -20.73
O3 GOL R . -1.14 13.84 -20.20
C1 GOL S . 0.46 18.26 -16.60
O1 GOL S . 1.75 18.54 -16.11
C2 GOL S . -0.61 18.47 -15.57
O2 GOL S . -0.17 17.88 -14.35
C3 GOL S . -0.95 19.92 -15.37
O3 GOL S . -1.54 20.48 -16.55
C1 GOL T . 10.05 21.16 5.04
O1 GOL T . 9.20 20.69 6.09
C2 GOL T . 10.56 22.55 5.33
O2 GOL T . 9.50 23.32 5.87
C3 GOL T . 11.77 22.59 6.25
O3 GOL T . 12.79 23.46 5.78
C1 GOL U . 6.39 -11.78 -16.43
O1 GOL U . 7.32 -12.37 -15.53
C2 GOL U . 5.37 -10.96 -15.68
O2 GOL U . 5.07 -11.57 -14.42
C3 GOL U . 4.09 -10.75 -16.47
O3 GOL U . 4.37 -10.45 -17.83
C1 GOL V . -2.19 23.06 3.01
O1 GOL V . -3.00 23.30 1.87
C2 GOL V . -2.94 22.33 4.10
O2 GOL V . -4.13 21.76 3.55
C3 GOL V . -2.10 21.26 4.77
O3 GOL V . -0.89 21.78 5.30
C1 GOL W . 8.04 21.00 -7.74
O1 GOL W . 8.39 22.29 -8.26
C2 GOL W . 9.17 20.02 -7.86
O2 GOL W . 10.38 20.61 -7.38
C3 GOL W . 8.91 18.72 -7.14
O3 GOL W . 9.84 18.50 -6.08
C1 GOL X . 14.40 -7.40 -15.88
O1 GOL X . 14.62 -7.13 -14.51
C2 GOL X . 14.62 -8.85 -16.22
O2 GOL X . 16.02 -9.15 -16.24
C3 GOL X . 14.04 -9.23 -17.56
O3 GOL X . 14.64 -8.47 -18.60
C1 GOL Y . 15.18 8.18 -19.15
O1 GOL Y . 16.14 9.13 -19.58
C2 GOL Y . 15.68 6.77 -19.29
O2 GOL Y . 15.77 6.43 -20.67
C3 GOL Y . 17.02 6.54 -18.61
O3 GOL Y . 18.07 6.28 -19.54
#